data_3K5J
#
_entry.id   3K5J
#
_cell.length_a   50.719
_cell.length_b   50.719
_cell.length_c   143.596
_cell.angle_alpha   90.000
_cell.angle_beta   90.000
_cell.angle_gamma   120.000
#
_symmetry.space_group_name_H-M   'P 32 2 1'
#
loop_
_entity.id
_entity.type
_entity.pdbx_description
1 polymer 'Suppressor of fused family protein'
2 non-polymer 'SULFATE ION'
3 non-polymer GLYCEROL
4 water water
#
_entity_poly.entity_id   1
_entity_poly.type   'polypeptide(L)'
_entity_poly.pdbx_seq_one_letter_code
;G(MSE)DYNQTVLSHLQKFWKHHDIKGFTWTLGRIVEELPDFQVFQVIPNHEDEPWVYVSSGIGQFLGQEFFIISPFETP
EHIETLA(MSE)LASAS(MSE)HYPDQFQLGKTVNIGRPWVEQSSFRHFLISLPYPYGQELEY(MSE)DNVRFFWLLPIT
QTERLFLNTHSVEELETKFDEAGIDYLDINRASTVWQAG
;
_entity_poly.pdbx_strand_id   A
#
# COMPACT_ATOMS: atom_id res chain seq x y z
N GLY A 1 0.82 16.52 -11.07
CA GLY A 1 0.87 17.91 -10.57
C GLY A 1 -0.26 18.19 -9.60
N ASP A 3 -3.28 19.57 -9.84
CA ASP A 3 -4.63 19.18 -10.22
C ASP A 3 -4.82 17.67 -10.03
N TYR A 4 -3.83 16.88 -10.47
CA TYR A 4 -3.93 15.43 -10.34
C TYR A 4 -3.98 15.05 -8.85
N ASN A 5 -3.12 15.64 -8.04
CA ASN A 5 -3.11 15.32 -6.62
C ASN A 5 -4.45 15.64 -5.95
N GLN A 6 -5.07 16.74 -6.38
CA GLN A 6 -6.37 17.11 -5.85
C GLN A 6 -7.43 16.09 -6.28
N THR A 7 -7.34 15.55 -7.51
CA THR A 7 -8.25 14.45 -7.91
C THR A 7 -8.10 13.24 -6.97
N VAL A 8 -6.87 12.88 -6.62
CA VAL A 8 -6.64 11.78 -5.70
C VAL A 8 -7.21 12.11 -4.32
N LEU A 9 -6.90 13.29 -3.81
CA LEU A 9 -7.40 13.69 -2.49
C LEU A 9 -8.92 13.66 -2.44
N SER A 10 -9.58 14.16 -3.49
CA SER A 10 -11.06 14.15 -3.56
C SER A 10 -11.61 12.75 -3.56
N HIS A 11 -10.94 11.85 -4.28
CA HIS A 11 -11.31 10.45 -4.35
C HIS A 11 -11.24 9.82 -2.95
N LEU A 12 -10.16 10.08 -2.24
CA LEU A 12 -10.00 9.54 -0.90
C LEU A 12 -10.98 10.15 0.09
N GLN A 13 -11.20 11.46 -0.04
CA GLN A 13 -12.10 12.17 0.87
C GLN A 13 -13.56 11.70 0.70
N LYS A 14 -13.95 11.40 -0.54
CA LYS A 14 -15.28 10.85 -0.88
CA LYS A 14 -15.29 10.89 -0.81
C LYS A 14 -15.47 9.48 -0.29
N PHE A 15 -14.42 8.66 -0.33
CA PHE A 15 -14.51 7.30 0.19
C PHE A 15 -14.57 7.32 1.73
N TRP A 16 -13.72 8.16 2.35
CA TRP A 16 -13.72 8.37 3.78
C TRP A 16 -14.27 9.77 4.14
N LYS A 17 -15.59 9.93 3.95
CA LYS A 17 -16.28 11.22 4.07
CA LYS A 17 -16.27 11.23 4.08
C LYS A 17 -16.08 11.86 5.44
N HIS A 18 -15.99 11.02 6.48
CA HIS A 18 -15.91 11.56 7.84
C HIS A 18 -14.57 11.42 8.50
N HIS A 19 -13.50 11.32 7.69
CA HIS A 19 -12.14 11.27 8.23
C HIS A 19 -11.34 12.46 7.74
N ASP A 20 -10.44 12.95 8.59
CA ASP A 20 -9.46 13.95 8.22
C ASP A 20 -8.34 13.24 7.42
N ILE A 21 -7.84 13.95 6.41
CA ILE A 21 -6.78 13.49 5.54
C ILE A 21 -5.73 14.57 5.44
N LYS A 22 -4.48 14.21 5.71
CA LYS A 22 -3.32 15.10 5.67
CA LYS A 22 -3.35 15.11 5.64
C LYS A 22 -2.48 14.78 4.46
N GLY A 23 -1.99 15.80 3.78
CA GLY A 23 -1.09 15.65 2.65
C GLY A 23 0.31 16.04 2.99
N PHE A 24 1.25 15.30 2.38
CA PHE A 24 2.70 15.48 2.53
C PHE A 24 3.31 15.74 1.17
N THR A 25 4.37 16.53 1.18
CA THR A 25 5.12 16.91 0.00
C THR A 25 6.63 16.88 0.27
N TRP A 26 7.41 16.98 -0.80
CA TRP A 26 8.87 17.08 -0.71
C TRP A 26 9.37 18.35 -1.39
N THR A 27 10.33 19.00 -0.77
CA THR A 27 11.06 20.10 -1.40
C THR A 27 12.56 19.73 -1.60
N LEU A 28 12.96 18.57 -1.09
CA LEU A 28 14.26 18.02 -1.21
C LEU A 28 14.13 16.52 -1.27
N GLY A 29 14.96 15.86 -2.05
CA GLY A 29 14.91 14.37 -2.10
C GLY A 29 14.71 13.81 -3.50
N ARG A 30 14.71 12.48 -3.57
CA ARG A 30 14.64 11.81 -4.84
C ARG A 30 13.41 12.20 -5.62
N ILE A 31 12.36 12.52 -4.88
N ILE A 31 12.26 12.42 -5.00
CA ILE A 31 11.06 12.89 -5.44
CA ILE A 31 11.11 12.67 -5.89
C ILE A 31 11.13 14.07 -6.38
C ILE A 31 11.13 14.10 -6.51
N VAL A 32 11.86 15.07 -5.94
CA VAL A 32 11.91 16.38 -6.60
C VAL A 32 12.44 16.24 -8.03
N GLU A 33 13.43 15.40 -8.25
CA GLU A 33 13.92 15.13 -9.65
C GLU A 33 13.15 14.03 -10.36
N GLU A 34 12.79 13.01 -9.63
CA GLU A 34 12.32 11.79 -10.25
C GLU A 34 10.82 11.75 -10.48
N LEU A 35 10.06 12.40 -9.61
CA LEU A 35 8.61 12.43 -9.75
C LEU A 35 8.07 13.70 -9.13
N PRO A 36 8.30 14.83 -9.83
CA PRO A 36 7.92 16.11 -9.27
C PRO A 36 6.45 16.15 -8.82
N ASP A 37 6.23 16.80 -7.70
CA ASP A 37 4.91 17.00 -7.10
C ASP A 37 4.29 15.75 -6.44
N PHE A 38 5.05 14.66 -6.36
CA PHE A 38 4.54 13.46 -5.70
C PHE A 38 4.11 13.78 -4.28
N GLN A 39 2.98 13.21 -3.88
CA GLN A 39 2.48 13.34 -2.52
C GLN A 39 2.20 11.98 -1.88
N VAL A 40 2.12 11.99 -0.55
CA VAL A 40 1.48 10.90 0.21
C VAL A 40 0.34 11.55 0.98
N PHE A 41 -0.79 10.89 1.01
CA PHE A 41 -1.94 11.27 1.83
C PHE A 41 -2.11 10.29 2.97
N GLN A 42 -2.40 10.81 4.16
CA GLN A 42 -2.60 10.05 5.38
C GLN A 42 -4.06 10.21 5.82
N VAL A 43 -4.79 9.11 5.82
CA VAL A 43 -6.16 9.09 6.30
C VAL A 43 -6.08 8.76 7.81
N ILE A 44 -6.51 9.70 8.61
CA ILE A 44 -6.34 9.65 10.06
C ILE A 44 -7.54 8.95 10.70
N PRO A 45 -7.27 7.98 11.60
CA PRO A 45 -8.37 7.29 12.26
C PRO A 45 -9.18 8.26 13.14
N ASN A 46 -10.46 7.97 13.26
CA ASN A 46 -11.31 8.68 14.22
C ASN A 46 -11.29 8.08 15.63
N HIS A 47 -10.90 6.80 15.74
CA HIS A 47 -10.84 6.09 17.03
CA HIS A 47 -10.86 6.12 17.03
C HIS A 47 -9.71 5.10 17.08
N GLU A 48 -9.43 4.59 18.28
CA GLU A 48 -8.28 3.71 18.51
C GLU A 48 -8.42 2.37 17.79
N ASP A 49 -9.64 2.01 17.43
CA ASP A 49 -9.88 0.70 16.79
CA ASP A 49 -9.97 0.73 16.80
C ASP A 49 -9.84 0.78 15.26
N GLU A 50 -9.40 1.91 14.73
CA GLU A 50 -9.25 2.16 13.28
CA GLU A 50 -9.21 1.96 13.30
C GLU A 50 -7.78 2.32 12.92
N PRO A 51 -7.36 1.82 11.74
CA PRO A 51 -5.97 2.00 11.31
C PRO A 51 -5.74 3.31 10.61
N TRP A 52 -4.47 3.53 10.28
CA TRP A 52 -4.00 4.68 9.52
C TRP A 52 -3.77 4.19 8.09
N VAL A 53 -4.18 4.98 7.11
CA VAL A 53 -3.96 4.63 5.73
C VAL A 53 -3.08 5.66 5.05
N TYR A 54 -2.02 5.18 4.39
CA TYR A 54 -1.07 6.02 3.66
C TYR A 54 -1.16 5.70 2.17
N VAL A 55 -1.43 6.74 1.35
CA VAL A 55 -1.75 6.54 -0.05
C VAL A 55 -0.81 7.39 -0.93
N SER A 56 -0.24 6.80 -1.98
CA SER A 56 0.55 7.56 -2.92
C SER A 56 -0.28 8.46 -3.83
N SER A 57 0.35 9.51 -4.35
CA SER A 57 -0.28 10.35 -5.34
C SER A 57 0.74 10.92 -6.31
N GLY A 58 0.68 10.41 -7.53
CA GLY A 58 1.53 10.91 -8.61
C GLY A 58 2.01 9.78 -9.51
N ILE A 59 2.12 8.58 -8.97
CA ILE A 59 2.58 7.41 -9.74
C ILE A 59 1.57 7.10 -10.83
N GLY A 60 0.30 7.37 -10.55
CA GLY A 60 -0.77 6.98 -11.48
C GLY A 60 -0.75 7.73 -12.80
N GLN A 61 -0.12 8.89 -12.85
CA GLN A 61 -0.02 9.62 -14.10
C GLN A 61 0.85 8.89 -15.13
N PHE A 62 1.76 8.05 -14.68
CA PHE A 62 2.63 7.28 -15.58
C PHE A 62 2.29 5.80 -15.61
N LEU A 63 1.88 5.24 -14.46
CA LEU A 63 1.69 3.79 -14.29
C LEU A 63 0.23 3.35 -14.40
N GLY A 64 -0.70 4.27 -14.15
CA GLY A 64 -2.11 3.94 -14.12
C GLY A 64 -2.68 3.44 -12.78
N GLN A 65 -1.82 3.44 -11.76
CA GLN A 65 -2.23 3.03 -10.42
C GLN A 65 -1.39 3.78 -9.37
N GLU A 66 -2.02 3.89 -8.20
CA GLU A 66 -1.40 4.31 -6.95
C GLU A 66 -1.41 3.13 -5.99
N PHE A 67 -0.73 3.31 -4.85
CA PHE A 67 -0.54 2.25 -3.88
C PHE A 67 -0.86 2.77 -2.47
N PHE A 68 -1.36 1.91 -1.58
CA PHE A 68 -1.59 2.31 -0.21
C PHE A 68 -1.18 1.23 0.78
N ILE A 69 -0.87 1.69 1.98
CA ILE A 69 -0.46 0.87 3.14
C ILE A 69 -1.47 1.12 4.25
N ILE A 70 -1.96 0.03 4.85
CA ILE A 70 -2.86 0.10 6.02
C ILE A 70 -2.01 -0.22 7.25
N SER A 71 -1.90 0.73 8.16
CA SER A 71 -0.96 0.64 9.29
C SER A 71 -1.67 0.64 10.63
N PRO A 72 -1.22 -0.22 11.54
CA PRO A 72 -1.84 -0.23 12.88
C PRO A 72 -1.59 1.02 13.71
N PHE A 73 -0.54 1.75 13.38
CA PHE A 73 -0.19 2.97 14.08
C PHE A 73 0.39 3.99 13.11
N GLU A 74 0.40 5.24 13.56
CA GLU A 74 1.00 6.34 12.82
C GLU A 74 2.49 6.16 12.80
N THR A 75 3.07 6.30 11.62
CA THR A 75 4.52 6.26 11.48
C THR A 75 4.95 6.86 10.15
N PRO A 76 5.98 7.71 10.17
CA PRO A 76 6.51 8.25 8.93
C PRO A 76 7.26 7.21 8.10
N GLU A 77 7.46 6.02 8.64
CA GLU A 77 8.05 4.94 7.85
C GLU A 77 7.32 4.76 6.52
N HIS A 78 6.01 4.91 6.55
CA HIS A 78 5.25 4.68 5.33
C HIS A 78 5.39 5.78 4.28
N ILE A 79 5.62 7.00 4.75
CA ILE A 79 5.89 8.11 3.87
C ILE A 79 7.23 7.86 3.14
N GLU A 80 8.22 7.41 3.92
CA GLU A 80 9.55 7.11 3.40
C GLU A 80 9.48 5.96 2.38
N THR A 81 8.75 4.92 2.73
CA THR A 81 8.59 3.73 1.85
C THR A 81 7.95 4.13 0.53
N LEU A 82 6.89 4.94 0.61
CA LEU A 82 6.18 5.30 -0.61
C LEU A 82 7.03 6.19 -1.53
N ALA A 83 7.87 7.08 -0.97
CA ALA A 83 8.81 7.85 -1.80
C ALA A 83 9.80 6.94 -2.53
N LEU A 85 9.24 3.81 -3.31
CA LEU A 85 8.47 3.08 -4.33
C LEU A 85 8.11 3.94 -5.54
N ALA A 86 7.90 5.22 -5.34
CA ALA A 86 7.66 6.15 -6.43
C ALA A 86 8.88 6.13 -7.36
N SER A 87 10.08 6.26 -6.79
CA SER A 87 11.31 6.19 -7.59
C SER A 87 11.42 4.85 -8.31
N ALA A 88 11.24 3.76 -7.58
CA ALA A 88 11.37 2.41 -8.14
C ALA A 88 10.38 2.14 -9.27
N SER A 89 9.15 2.62 -9.09
CA SER A 89 8.10 2.35 -10.07
C SER A 89 8.35 3.11 -11.37
N HIS A 91 11.34 3.65 -12.61
CA HIS A 91 12.46 2.91 -13.25
C HIS A 91 12.09 1.53 -13.73
N TYR A 92 11.20 0.87 -12.97
CA TYR A 92 10.87 -0.53 -13.17
C TYR A 92 9.36 -0.76 -13.14
N PRO A 93 8.63 -0.09 -14.06
CA PRO A 93 7.15 -0.20 -13.98
C PRO A 93 6.60 -1.63 -14.07
N ASP A 94 7.27 -2.53 -14.78
CA ASP A 94 6.77 -3.90 -14.87
C ASP A 94 6.73 -4.58 -13.51
N GLN A 95 7.54 -4.10 -12.56
CA GLN A 95 7.55 -4.73 -11.24
CA GLN A 95 7.61 -4.69 -11.22
C GLN A 95 6.50 -4.17 -10.30
N PHE A 96 5.73 -3.19 -10.78
CA PHE A 96 4.73 -2.55 -9.91
C PHE A 96 3.32 -2.76 -10.46
N GLN A 97 3.04 -4.03 -10.72
CA GLN A 97 1.77 -4.46 -11.25
C GLN A 97 1.10 -5.40 -10.28
N LEU A 98 -0.23 -5.56 -10.40
CA LEU A 98 -0.93 -6.55 -9.56
C LEU A 98 -0.24 -7.89 -9.61
N GLY A 99 -0.11 -8.49 -8.44
CA GLY A 99 0.46 -9.81 -8.27
C GLY A 99 1.97 -9.83 -8.16
N LYS A 100 2.63 -8.68 -8.31
CA LYS A 100 4.05 -8.63 -8.07
C LYS A 100 4.31 -8.41 -6.57
N THR A 101 5.46 -8.88 -6.12
CA THR A 101 5.96 -8.55 -4.80
C THR A 101 6.96 -7.41 -4.89
N VAL A 102 7.00 -6.66 -3.80
CA VAL A 102 7.86 -5.51 -3.64
C VAL A 102 8.78 -5.77 -2.46
N ASN A 103 10.09 -5.77 -2.68
CA ASN A 103 11.06 -5.85 -1.61
C ASN A 103 11.26 -4.46 -1.06
N ILE A 104 10.88 -4.24 0.20
CA ILE A 104 10.99 -2.94 0.85
C ILE A 104 12.43 -2.61 1.22
N GLY A 105 13.24 -3.64 1.36
CA GLY A 105 14.67 -3.48 1.70
C GLY A 105 14.92 -3.30 3.19
N ARG A 106 13.86 -3.46 3.97
CA ARG A 106 13.84 -3.33 5.40
C ARG A 106 12.44 -3.76 5.87
N PRO A 107 12.24 -3.96 7.18
CA PRO A 107 10.89 -4.24 7.65
C PRO A 107 9.93 -3.11 7.35
N TRP A 108 8.69 -3.45 7.05
CA TRP A 108 7.71 -2.41 6.69
C TRP A 108 7.50 -1.40 7.83
N VAL A 109 7.48 -1.93 9.06
CA VAL A 109 7.61 -1.12 10.27
C VAL A 109 8.70 -1.81 11.13
N GLU A 110 9.44 -0.99 11.90
CA GLU A 110 10.67 -1.43 12.60
C GLU A 110 10.58 -2.78 13.28
N GLN A 111 9.54 -3.00 14.06
CA GLN A 111 9.52 -4.22 14.88
C GLN A 111 8.98 -5.46 14.19
N SER A 112 8.50 -5.31 12.99
CA SER A 112 8.03 -6.47 12.20
C SER A 112 9.21 -7.16 11.53
N SER A 113 9.00 -8.42 11.16
CA SER A 113 9.94 -9.14 10.32
C SER A 113 9.55 -9.09 8.83
N PHE A 114 8.40 -8.50 8.50
CA PHE A 114 7.90 -8.55 7.11
C PHE A 114 8.59 -7.46 6.30
N ARG A 115 9.26 -7.88 5.22
CA ARG A 115 10.08 -6.99 4.39
C ARG A 115 9.60 -6.90 2.95
N HIS A 116 8.44 -7.47 2.67
CA HIS A 116 7.86 -7.45 1.34
C HIS A 116 6.39 -7.09 1.40
N PHE A 117 5.91 -6.48 0.32
CA PHE A 117 4.47 -6.34 0.04
C PHE A 117 4.10 -7.18 -1.16
N LEU A 118 2.89 -7.68 -1.15
CA LEU A 118 2.22 -8.22 -2.31
C LEU A 118 1.22 -7.20 -2.85
N ILE A 119 1.41 -6.78 -4.10
CA ILE A 119 0.52 -5.76 -4.73
C ILE A 119 -0.81 -6.47 -4.99
N SER A 120 -1.83 -6.00 -4.32
CA SER A 120 -3.14 -6.64 -4.27
CA SER A 120 -3.14 -6.65 -4.26
C SER A 120 -4.32 -5.73 -4.61
N LEU A 121 -5.42 -6.33 -5.00
CA LEU A 121 -6.66 -5.57 -5.09
C LEU A 121 -7.05 -5.11 -3.69
N PRO A 122 -7.81 -4.00 -3.59
CA PRO A 122 -8.02 -3.34 -2.26
C PRO A 122 -9.19 -4.00 -1.51
N TYR A 123 -9.01 -5.26 -1.15
CA TYR A 123 -10.08 -6.06 -0.56
C TYR A 123 -10.76 -5.44 0.68
N PRO A 124 -10.01 -4.71 1.55
CA PRO A 124 -10.71 -4.13 2.72
C PRO A 124 -11.73 -3.05 2.42
N TYR A 125 -11.60 -2.46 1.23
CA TYR A 125 -12.32 -1.26 0.85
C TYR A 125 -13.26 -1.37 -0.35
N GLY A 126 -12.90 -2.20 -1.31
CA GLY A 126 -13.77 -2.45 -2.46
C GLY A 126 -13.63 -1.48 -3.63
N GLN A 127 -14.54 -1.63 -4.59
CA GLN A 127 -14.43 -0.99 -5.85
C GLN A 127 -14.54 0.52 -5.80
N GLU A 128 -15.26 1.05 -4.80
CA GLU A 128 -15.37 2.52 -4.70
CA GLU A 128 -15.37 2.52 -4.71
C GLU A 128 -14.02 3.19 -4.46
N LEU A 129 -13.12 2.48 -3.76
CA LEU A 129 -11.74 2.94 -3.63
C LEU A 129 -10.89 2.52 -4.84
N GLU A 130 -11.09 1.29 -5.34
CA GLU A 130 -10.27 0.73 -6.41
C GLU A 130 -10.13 1.62 -7.64
N TYR A 131 -11.23 2.19 -8.13
CA TYR A 131 -11.22 2.98 -9.37
C TYR A 131 -11.55 4.42 -9.13
N ASP A 133 -11.55 7.48 -12.24
N ASP A 133 -11.16 7.86 -12.13
CA ASP A 133 -11.19 7.86 -13.64
CA ASP A 133 -11.04 7.98 -13.60
C ASP A 133 -9.70 7.79 -14.06
C ASP A 133 -10.17 6.87 -14.28
N ASN A 134 -9.41 6.77 -14.89
N ASN A 134 -9.02 7.29 -14.75
CA ASN A 134 -8.06 6.45 -15.47
C ASN A 134 -7.07 5.78 -14.52
N VAL A 135 -7.42 5.63 -13.23
CA VAL A 135 -6.44 5.21 -12.24
C VAL A 135 -7.01 4.26 -11.21
N ARG A 136 -6.22 3.25 -10.86
CA ARG A 136 -6.63 2.33 -9.83
C ARG A 136 -5.78 2.46 -8.57
N PHE A 137 -6.32 1.98 -7.45
CA PHE A 137 -5.66 2.03 -6.14
C PHE A 137 -5.45 0.62 -5.64
N PHE A 138 -4.19 0.23 -5.58
CA PHE A 138 -3.78 -1.10 -5.16
C PHE A 138 -3.22 -1.09 -3.74
N TRP A 139 -3.44 -2.22 -3.06
CA TRP A 139 -3.05 -2.43 -1.67
C TRP A 139 -1.69 -3.10 -1.58
N LEU A 140 -0.78 -2.47 -0.85
CA LEU A 140 0.49 -3.05 -0.47
C LEU A 140 0.30 -3.90 0.82
N LEU A 141 0.09 -5.19 0.62
CA LEU A 141 -0.22 -6.11 1.70
C LEU A 141 1.10 -6.72 2.24
N PRO A 142 1.45 -6.48 3.51
CA PRO A 142 2.69 -7.12 4.01
C PRO A 142 2.60 -8.63 4.03
N ILE A 143 3.68 -9.29 3.55
CA ILE A 143 3.73 -10.74 3.59
C ILE A 143 5.00 -11.19 4.30
N THR A 144 4.96 -12.42 4.86
CA THR A 144 6.07 -12.90 5.66
C THR A 144 7.22 -13.29 4.70
N GLN A 145 8.39 -13.49 5.27
CA GLN A 145 9.55 -13.83 4.43
C GLN A 145 9.38 -15.20 3.79
N THR A 146 8.78 -16.12 4.53
CA THR A 146 8.52 -17.44 3.97
C THR A 146 7.39 -17.45 2.94
N GLU A 147 6.38 -16.59 3.10
CA GLU A 147 5.40 -16.37 2.06
C GLU A 147 6.02 -15.83 0.77
N ARG A 148 6.94 -14.90 0.88
CA ARG A 148 7.64 -14.39 -0.28
CA ARG A 148 7.59 -14.40 -0.31
C ARG A 148 8.35 -15.52 -1.01
N LEU A 149 9.06 -16.33 -0.24
CA LEU A 149 9.80 -17.47 -0.85
C LEU A 149 8.85 -18.43 -1.55
N PHE A 150 7.73 -18.73 -0.93
CA PHE A 150 6.69 -19.57 -1.48
C PHE A 150 6.32 -19.12 -2.88
N LEU A 151 6.31 -17.82 -3.16
CA LEU A 151 5.88 -17.30 -4.46
C LEU A 151 6.86 -17.56 -5.59
N ASN A 152 8.04 -18.04 -5.25
CA ASN A 152 8.97 -18.50 -6.27
C ASN A 152 8.54 -19.76 -6.97
N THR A 153 7.76 -20.60 -6.31
CA THR A 153 7.36 -21.90 -6.90
C THR A 153 5.87 -22.18 -6.80
N HIS A 154 5.09 -21.13 -6.53
CA HIS A 154 3.65 -21.26 -6.46
C HIS A 154 3.06 -19.95 -6.96
N SER A 155 1.81 -19.99 -7.36
CA SER A 155 1.16 -18.81 -7.91
C SER A 155 0.68 -17.87 -6.79
N VAL A 156 0.49 -16.62 -7.18
CA VAL A 156 -0.17 -15.65 -6.33
C VAL A 156 -1.55 -16.13 -5.95
N GLU A 157 -2.30 -16.72 -6.89
CA GLU A 157 -3.64 -17.23 -6.56
CA GLU A 157 -3.64 -17.21 -6.55
C GLU A 157 -3.59 -18.24 -5.43
N GLU A 158 -2.59 -19.14 -5.45
CA GLU A 158 -2.49 -20.14 -4.36
C GLU A 158 -2.24 -19.44 -3.02
N LEU A 159 -1.36 -18.45 -3.02
CA LEU A 159 -1.08 -17.71 -1.77
C LEU A 159 -2.33 -16.95 -1.29
N GLU A 160 -3.05 -16.31 -2.21
CA GLU A 160 -4.22 -15.57 -1.82
C GLU A 160 -5.31 -16.52 -1.26
N THR A 161 -5.36 -17.75 -1.76
CA THR A 161 -6.25 -18.73 -1.14
C THR A 161 -5.87 -19.02 0.30
N LYS A 162 -4.59 -19.21 0.55
CA LYS A 162 -4.06 -19.43 1.90
C LYS A 162 -4.42 -18.24 2.79
N PHE A 163 -4.34 -17.02 2.25
CA PHE A 163 -4.70 -15.82 3.02
C PHE A 163 -6.15 -15.78 3.43
N ASP A 164 -7.04 -16.01 2.47
CA ASP A 164 -8.48 -16.08 2.75
C ASP A 164 -8.81 -17.14 3.82
N GLU A 165 -8.18 -18.29 3.69
CA GLU A 165 -8.46 -19.40 4.59
C GLU A 165 -7.99 -19.18 6.02
N ALA A 166 -6.87 -18.49 6.18
CA ALA A 166 -6.35 -18.15 7.52
C ALA A 166 -7.10 -16.95 8.11
N GLY A 167 -7.69 -16.10 7.26
CA GLY A 167 -8.30 -14.85 7.67
C GLY A 167 -7.24 -13.87 8.17
N ILE A 168 -6.18 -13.70 7.39
CA ILE A 168 -5.00 -13.01 7.90
C ILE A 168 -5.29 -11.65 8.52
N ASP A 169 -4.66 -11.40 9.65
CA ASP A 169 -4.74 -10.08 10.27
C ASP A 169 -3.56 -9.29 9.78
N TYR A 170 -3.84 -8.49 8.76
CA TYR A 170 -2.84 -7.70 8.14
C TYR A 170 -2.34 -6.50 8.97
N LEU A 171 -3.01 -6.20 10.07
CA LEU A 171 -2.56 -5.20 11.02
C LEU A 171 -1.65 -5.73 12.11
N ASP A 172 -1.47 -7.05 12.15
CA ASP A 172 -0.63 -7.68 13.16
C ASP A 172 0.80 -7.81 12.59
N ILE A 173 1.71 -7.04 13.16
CA ILE A 173 3.10 -7.02 12.72
C ILE A 173 3.84 -8.36 12.93
N ASN A 174 3.24 -9.24 13.72
CA ASN A 174 3.79 -10.57 14.03
C ASN A 174 2.78 -11.68 13.68
N ARG A 175 1.88 -11.49 12.72
CA ARG A 175 0.97 -12.57 12.39
C ARG A 175 1.74 -13.81 11.97
N ALA A 176 1.14 -14.98 12.16
CA ALA A 176 1.74 -16.21 11.71
C ALA A 176 1.78 -16.26 10.19
N SER A 177 2.83 -16.88 9.67
CA SER A 177 2.82 -17.26 8.26
CA SER A 177 2.85 -17.24 8.28
C SER A 177 1.72 -18.23 7.94
N THR A 178 1.25 -18.19 6.69
CA THR A 178 0.22 -19.09 6.16
C THR A 178 0.79 -20.26 5.38
N VAL A 179 2.09 -20.30 5.22
CA VAL A 179 2.72 -21.35 4.44
C VAL A 179 3.97 -21.81 5.17
N TRP A 180 4.38 -23.04 4.86
CA TRP A 180 5.57 -23.64 5.44
C TRP A 180 6.26 -24.44 4.33
N GLN A 181 7.56 -24.31 4.20
CA GLN A 181 8.27 -25.18 3.22
C GLN A 181 9.41 -25.96 3.86
N ALA A 182 9.61 -27.20 3.41
CA ALA A 182 10.63 -28.13 3.95
C ALA A 182 12.06 -27.67 3.68
#